data_2VEK
#
_entry.id   2VEK
#
_cell.length_a   45.960
_cell.length_b   87.220
_cell.length_c   56.480
_cell.angle_alpha   90.00
_cell.angle_beta   97.50
_cell.angle_gamma   90.00
#
_symmetry.space_group_name_H-M   'P 1 21 1'
#
loop_
_entity.id
_entity.type
_entity.pdbx_description
1 polymer 'TRIOSEPHOSPHATE ISOMERASE'
2 non-polymer 'CITRIC ACID'
3 non-polymer 'TERTIARY-BUTYL ALCOHOL'
4 non-polymer '3-(BUTYLSULPHONYL)-PROPANOIC ACID'
5 water water
#
_entity_poly.entity_id   1
_entity_poly.type   'polypeptide(L)'
_entity_poly.pdbx_seq_one_letter_code
;SKPQPIAAANWKSGSPDSLSELIDLFNSTSINHDVQCVVASTFVHLAMTKERLSHPKFVIAAQNAGNADALASLKDFGVN
WIVLGHSERRWYYGETNEIVADKVAAAVASGFMVIACIGETLQERESGRTAVVVLTQIAAIAKKLKKADWAKVVIAYEPV
WAIGTGKVATPQQAQEAHALIRSWVSSKIGADVAGELRILYGGSVNGKNARTLYQQRDVNGFLAGLKPEFVDIIKATQ
;
_entity_poly.pdbx_strand_id   A,B
#
loop_
_chem_comp.id
_chem_comp.type
_chem_comp.name
_chem_comp.formula
ASF non-polymer '3-(BUTYLSULPHONYL)-PROPANOIC ACID' 'C7 H14 O4 S'
CIT non-polymer 'CITRIC ACID' 'C6 H8 O7'
TBU non-polymer 'TERTIARY-BUTYL ALCOHOL' 'C4 H10 O'
#
# COMPACT_ATOMS: atom_id res chain seq x y z
N SER A 1 19.25 -0.36 -0.48
CA SER A 1 18.39 0.49 -1.32
C SER A 1 17.36 1.24 -0.50
N LYS A 2 16.68 2.17 -1.15
CA LYS A 2 15.74 3.03 -0.45
C LYS A 2 14.47 2.26 -0.21
N PRO A 3 13.76 2.62 0.87
CA PRO A 3 12.42 2.05 1.07
C PRO A 3 11.43 2.67 0.05
N GLN A 4 10.18 2.20 0.04
CA GLN A 4 9.16 2.72 -0.87
C GLN A 4 9.05 4.26 -0.68
N PRO A 5 9.20 5.05 -1.77
CA PRO A 5 9.01 6.52 -1.61
C PRO A 5 7.53 6.89 -1.38
N ILE A 6 7.33 8.10 -0.86
CA ILE A 6 6.02 8.69 -0.70
C ILE A 6 5.99 10.05 -1.37
N ALA A 7 4.88 10.36 -2.05
CA ALA A 7 4.66 11.71 -2.55
C ALA A 7 3.31 12.13 -1.96
N ALA A 8 3.33 13.18 -1.13
CA ALA A 8 2.11 13.58 -0.39
C ALA A 8 1.77 15.00 -0.78
N ALA A 9 0.52 15.21 -1.19
CA ALA A 9 -0.04 16.54 -1.49
C ALA A 9 -0.84 17.00 -0.30
N ASN A 10 -0.57 18.21 0.18
CA ASN A 10 -1.11 18.66 1.46
C ASN A 10 -1.96 19.91 1.22
N TRP A 11 -3.29 19.70 1.15
CA TRP A 11 -4.25 20.76 0.86
C TRP A 11 -4.68 21.43 2.18
N LYS A 12 -4.14 22.63 2.43
CA LYS A 12 -4.35 23.35 3.69
C LYS A 12 -5.37 24.50 3.58
N SER A 13 -5.46 25.11 2.38
CA SER A 13 -6.40 26.20 2.03
C SER A 13 -6.33 26.36 0.50
N GLY A 14 -7.10 27.23 -0.16
CA GLY A 14 -8.49 27.46 0.10
C GLY A 14 -9.22 26.72 -1.03
N SER A 15 -9.70 27.47 -2.02
CA SER A 15 -10.83 27.03 -2.88
C SER A 15 -10.73 25.66 -3.56
N PRO A 16 -11.81 24.85 -3.43
CA PRO A 16 -11.98 23.58 -4.14
C PRO A 16 -12.37 23.75 -5.63
N SER A 18 -11.70 23.79 -9.17
CA SER A 18 -10.41 23.22 -9.59
C SER A 18 -10.13 21.82 -9.03
N LEU A 19 -10.83 21.45 -7.95
CA LEU A 19 -10.60 20.15 -7.30
C LEU A 19 -11.01 18.97 -8.21
N SER A 20 -12.02 19.15 -9.06
CA SER A 20 -12.48 18.08 -9.96
C SER A 20 -11.56 17.79 -11.16
N GLU A 21 -11.14 18.82 -11.89
CA GLU A 21 -10.23 18.65 -13.04
C GLU A 21 -8.84 18.12 -12.62
N LEU A 22 -8.42 18.53 -11.42
CA LEU A 22 -7.14 18.12 -10.85
C LEU A 22 -7.14 16.63 -10.50
N ILE A 23 -8.25 16.18 -9.96
CA ILE A 23 -8.40 14.79 -9.55
C ILE A 23 -8.53 13.92 -10.82
N ASP A 24 -9.17 14.49 -11.85
CA ASP A 24 -9.20 13.88 -13.19
C ASP A 24 -7.77 13.65 -13.67
N LEU A 25 -6.91 14.66 -13.53
CA LEU A 25 -5.53 14.52 -13.91
C LEU A 25 -4.88 13.37 -13.14
N PHE A 26 -5.05 13.37 -11.82
CA PHE A 26 -4.46 12.30 -10.98
C PHE A 26 -4.99 10.93 -11.39
N ASN A 27 -6.31 10.80 -11.52
CA ASN A 27 -6.90 9.48 -11.86
C ASN A 27 -6.41 8.94 -13.21
N SER A 28 -6.13 9.85 -14.16
CA SER A 28 -5.72 9.47 -15.52
C SER A 28 -4.22 9.20 -15.66
N THR A 29 -3.48 9.41 -14.58
CA THR A 29 -2.02 9.33 -14.60
C THR A 29 -1.54 7.90 -14.31
N SER A 30 -0.85 7.32 -15.29
CA SER A 30 -0.16 6.05 -15.09
C SER A 30 1.15 6.32 -14.37
N ILE A 31 1.34 5.64 -13.27
CA ILE A 31 2.54 5.75 -12.45
C ILE A 31 3.32 4.46 -12.60
N ASN A 32 4.51 4.59 -13.15
CA ASN A 32 5.33 3.45 -13.61
C ASN A 32 6.35 2.90 -12.61
N HIS A 33 6.15 3.20 -11.34
CA HIS A 33 7.06 2.69 -10.32
C HIS A 33 6.34 2.58 -8.96
N ASP A 34 6.97 1.92 -8.00
CA ASP A 34 6.41 1.78 -6.68
C ASP A 34 6.55 3.09 -5.88
N VAL A 35 5.43 3.73 -5.59
CA VAL A 35 5.42 4.96 -4.77
C VAL A 35 4.05 5.05 -4.12
N GLN A 36 4.00 5.36 -2.83
CA GLN A 36 2.73 5.64 -2.14
C GLN A 36 2.36 7.10 -2.31
N CYS A 37 1.23 7.37 -2.96
CA CYS A 37 0.77 8.76 -3.11
C CYS A 37 -0.28 9.05 -2.03
N VAL A 38 -0.27 10.28 -1.54
CA VAL A 38 -1.17 10.68 -0.46
C VAL A 38 -1.78 12.04 -0.79
N VAL A 39 -3.08 12.19 -0.59
CA VAL A 39 -3.70 13.53 -0.65
C VAL A 39 -4.31 13.82 0.72
N ALA A 40 -3.73 14.80 1.43
CA ALA A 40 -4.23 15.22 2.74
C ALA A 40 -5.10 16.45 2.58
N SER A 41 -6.15 16.55 3.39
CA SER A 41 -7.01 17.74 3.34
C SER A 41 -7.63 18.02 4.68
N THR A 42 -8.22 19.22 4.81
CA THR A 42 -8.95 19.53 6.02
C THR A 42 -10.21 18.65 6.05
N PHE A 43 -10.76 18.52 7.24
CA PHE A 43 -11.92 17.65 7.47
C PHE A 43 -13.10 17.79 6.50
N VAL A 44 -13.46 19.04 6.18
CA VAL A 44 -14.61 19.34 5.33
C VAL A 44 -14.47 18.93 3.85
N HIS A 45 -13.25 18.63 3.42
CA HIS A 45 -12.97 18.25 2.04
C HIS A 45 -12.73 16.75 1.88
N LEU A 46 -12.64 16.03 2.99
CA LEU A 46 -12.33 14.58 2.96
C LEU A 46 -13.34 13.77 2.15
N ALA A 47 -14.64 14.06 2.33
CA ALA A 47 -15.67 13.33 1.60
C ALA A 47 -15.61 13.52 0.07
N MET A 48 -15.39 14.75 -0.39
CA MET A 48 -15.25 15.00 -1.82
C MET A 48 -14.01 14.31 -2.43
N THR A 49 -12.87 14.43 -1.75
CA THR A 49 -11.64 13.81 -2.25
CA THR A 49 -11.64 13.81 -2.26
C THR A 49 -11.80 12.29 -2.33
N LYS A 50 -12.26 11.69 -1.25
CA LYS A 50 -12.53 10.25 -1.19
C LYS A 50 -13.43 9.71 -2.31
N GLU A 51 -14.49 10.44 -2.66
CA GLU A 51 -15.42 9.99 -3.69
C GLU A 51 -14.84 10.12 -5.09
N ARG A 52 -13.98 11.10 -5.27
CA ARG A 52 -13.49 11.39 -6.61
C ARG A 52 -12.19 10.69 -6.92
N LEU A 53 -11.32 10.59 -5.92
CA LEU A 53 -9.98 10.04 -6.14
C LEU A 53 -10.11 8.51 -6.14
N SER A 54 -9.81 7.86 -7.26
CA SER A 54 -9.98 6.40 -7.33
C SER A 54 -8.65 5.68 -7.69
N HIS A 55 -7.61 6.45 -7.93
CA HIS A 55 -6.33 5.85 -8.32
C HIS A 55 -5.81 4.99 -7.14
N PRO A 56 -5.55 3.69 -7.40
CA PRO A 56 -5.23 2.82 -6.24
C PRO A 56 -3.87 3.05 -5.62
N LYS A 57 -3.00 3.85 -6.27
CA LYS A 57 -1.72 4.22 -5.62
C LYS A 57 -1.88 5.40 -4.64
N PHE A 58 -3.09 5.96 -4.55
CA PHE A 58 -3.36 7.11 -3.70
C PHE A 58 -4.17 6.66 -2.48
N VAL A 59 -3.86 7.30 -1.36
CA VAL A 59 -4.67 7.23 -0.15
C VAL A 59 -5.03 8.64 0.28
N ILE A 60 -6.18 8.78 0.95
CA ILE A 60 -6.63 10.03 1.57
CA ILE A 60 -6.53 10.06 1.55
C ILE A 60 -6.05 10.14 3.01
N ALA A 61 -5.65 11.35 3.42
CA ALA A 61 -5.14 11.60 4.76
C ALA A 61 -5.92 12.75 5.38
N ALA A 62 -6.19 12.63 6.68
CA ALA A 62 -6.71 13.73 7.51
C ALA A 62 -5.52 14.58 7.94
N GLN A 63 -5.81 15.69 8.63
CA GLN A 63 -4.76 16.51 9.25
C GLN A 63 -5.21 16.86 10.65
N ASN A 64 -4.24 16.90 11.57
CA ASN A 64 -4.37 17.63 12.85
C ASN A 64 -5.32 17.07 13.93
N ALA A 65 -6.03 15.97 13.64
CA ALA A 65 -6.98 15.44 14.63
C ALA A 65 -6.25 15.02 15.91
N GLY A 66 -6.83 15.31 17.05
CA GLY A 66 -6.19 15.09 18.35
C GLY A 66 -7.11 14.48 19.37
N ASN A 67 -8.32 14.14 18.97
CA ASN A 67 -9.32 13.60 19.90
C ASN A 67 -9.54 12.15 19.50
N ALA A 68 -9.51 11.26 20.49
CA ALA A 68 -9.67 9.81 20.25
C ALA A 68 -10.95 9.46 19.51
N ASP A 69 -12.05 10.12 19.85
CA ASP A 69 -13.32 9.88 19.16
C ASP A 69 -13.29 10.34 17.71
N ALA A 70 -12.68 11.49 17.45
CA ALA A 70 -12.56 11.94 16.08
C ALA A 70 -11.68 11.00 15.24
N LEU A 71 -10.60 10.50 15.84
CA LEU A 71 -9.72 9.53 15.19
C LEU A 71 -10.50 8.25 14.87
N ALA A 72 -11.28 7.77 15.83
CA ALA A 72 -12.10 6.59 15.58
C ALA A 72 -13.06 6.82 14.42
N SER A 73 -13.64 8.01 14.34
CA SER A 73 -14.64 8.30 13.32
C SER A 73 -13.98 8.35 11.94
N LEU A 74 -12.80 8.96 11.88
CA LEU A 74 -12.01 9.02 10.67
C LEU A 74 -11.73 7.61 10.15
N LYS A 75 -11.27 6.74 11.04
CA LYS A 75 -10.95 5.35 10.66
CA LYS A 75 -10.98 5.33 10.69
C LYS A 75 -12.20 4.65 10.11
N ASP A 76 -13.34 4.87 10.75
CA ASP A 76 -14.60 4.24 10.36
CA ASP A 76 -14.59 4.24 10.36
C ASP A 76 -15.01 4.68 8.96
N PHE A 77 -14.68 5.93 8.61
CA PHE A 77 -14.99 6.53 7.30
C PHE A 77 -14.03 6.02 6.23
N GLY A 78 -13.03 5.25 6.65
CA GLY A 78 -12.04 4.68 5.75
C GLY A 78 -10.84 5.56 5.50
N VAL A 79 -10.55 6.45 6.47
CA VAL A 79 -9.33 7.25 6.41
C VAL A 79 -8.27 6.65 7.34
N ASN A 80 -7.12 6.31 6.77
CA ASN A 80 -6.10 5.52 7.45
C ASN A 80 -4.77 6.23 7.62
N TRP A 81 -4.66 7.43 7.05
CA TRP A 81 -3.44 8.27 7.10
C TRP A 81 -3.77 9.60 7.73
N ILE A 82 -2.78 10.20 8.36
CA ILE A 82 -2.96 11.56 8.95
C ILE A 82 -1.64 12.32 8.93
N VAL A 83 -1.72 13.63 8.74
CA VAL A 83 -0.53 14.52 8.80
C VAL A 83 -0.61 15.29 10.11
N LEU A 84 0.49 15.27 10.87
CA LEU A 84 0.54 15.93 12.18
C LEU A 84 1.77 16.77 12.30
N GLY A 85 1.64 17.84 13.08
CA GLY A 85 2.83 18.67 13.40
C GLY A 85 3.30 19.66 12.35
N HIS A 86 2.51 19.88 11.29
CA HIS A 86 2.90 20.83 10.25
C HIS A 86 3.23 22.21 10.81
N SER A 87 4.14 22.90 10.13
CA SER A 87 4.74 24.16 10.62
CA SER A 87 4.74 24.15 10.63
C SER A 87 3.80 25.07 11.41
N GLU A 88 2.71 25.53 10.77
CA GLU A 88 1.81 26.48 11.42
C GLU A 88 1.16 25.97 12.69
N ARG A 89 1.01 24.64 12.80
CA ARG A 89 0.49 24.04 14.04
CA ARG A 89 0.44 24.11 14.03
C ARG A 89 1.34 24.46 15.21
N ARG A 90 2.66 24.45 14.97
CA ARG A 90 3.60 24.80 15.98
C ARG A 90 3.70 26.33 16.16
N TRP A 91 4.02 27.09 15.10
CA TRP A 91 4.33 28.52 15.28
C TRP A 91 3.13 29.47 15.41
N TYR A 92 1.93 29.00 15.04
CA TYR A 92 0.74 29.87 15.09
C TYR A 92 -0.20 29.32 16.13
N TYR A 93 -0.61 28.05 15.91
CA TYR A 93 -1.62 27.44 16.76
C TYR A 93 -1.10 27.04 18.16
N GLY A 94 0.22 26.91 18.30
CA GLY A 94 0.83 26.69 19.60
C GLY A 94 0.94 25.24 20.04
N GLU A 95 0.97 24.32 19.07
CA GLU A 95 1.22 22.91 19.35
C GLU A 95 2.69 22.75 19.71
N THR A 96 2.94 22.40 20.97
CA THR A 96 4.29 22.15 21.49
C THR A 96 4.83 20.79 21.01
N ASN A 97 6.11 20.53 21.22
CA ASN A 97 6.67 19.23 20.85
C ASN A 97 5.87 18.07 21.47
N GLU A 98 5.42 18.28 22.72
CA GLU A 98 4.70 17.26 23.48
C GLU A 98 3.25 17.08 23.01
N ILE A 99 2.58 18.17 22.64
CA ILE A 99 1.24 18.10 22.03
C ILE A 99 1.33 17.30 20.72
N VAL A 100 2.29 17.63 19.86
CA VAL A 100 2.42 16.88 18.58
C VAL A 100 2.71 15.41 18.86
N ALA A 101 3.64 15.15 19.78
CA ALA A 101 3.95 13.77 20.21
C ALA A 101 2.73 12.99 20.71
N ASP A 102 1.91 13.60 21.56
CA ASP A 102 0.68 12.98 22.01
C ASP A 102 -0.26 12.67 20.86
N LYS A 103 -0.37 13.60 19.91
CA LYS A 103 -1.23 13.35 18.74
C LYS A 103 -0.73 12.19 17.89
N VAL A 104 0.60 12.13 17.71
CA VAL A 104 1.21 11.03 16.95
C VAL A 104 0.89 9.67 17.61
N ALA A 105 1.14 9.56 18.91
CA ALA A 105 0.86 8.35 19.66
C ALA A 105 -0.61 7.95 19.58
N ALA A 106 -1.51 8.92 19.77
CA ALA A 106 -2.95 8.64 19.75
C ALA A 106 -3.35 8.11 18.36
N ALA A 107 -2.77 8.68 17.31
CA ALA A 107 -3.13 8.28 15.96
C ALA A 107 -2.59 6.88 15.64
N VAL A 108 -1.36 6.63 16.06
CA VAL A 108 -0.78 5.27 15.85
C VAL A 108 -1.63 4.22 16.60
N ALA A 109 -2.04 4.54 17.83
CA ALA A 109 -2.87 3.66 18.67
C ALA A 109 -4.24 3.39 18.04
N SER A 110 -4.74 4.35 17.27
CA SER A 110 -6.04 4.25 16.59
C SER A 110 -5.95 3.56 15.23
N GLY A 111 -4.75 3.13 14.86
CA GLY A 111 -4.54 2.42 13.59
C GLY A 111 -4.16 3.24 12.37
N PHE A 112 -3.55 4.42 12.56
CA PHE A 112 -3.19 5.25 11.41
C PHE A 112 -1.74 5.08 10.99
N MET A 113 -1.49 5.31 9.71
CA MET A 113 -0.16 5.69 9.22
C MET A 113 -0.02 7.19 9.48
N VAL A 114 1.08 7.62 10.09
CA VAL A 114 1.29 9.01 10.45
C VAL A 114 2.46 9.66 9.69
N ILE A 115 2.20 10.79 9.04
CA ILE A 115 3.27 11.67 8.55
C ILE A 115 3.45 12.77 9.59
N ALA A 116 4.56 12.66 10.34
CA ALA A 116 4.89 13.61 11.40
C ALA A 116 5.91 14.61 10.88
N CYS A 117 5.55 15.89 10.99
CA CYS A 117 6.39 16.98 10.48
C CYS A 117 7.30 17.58 11.55
N ILE A 118 8.54 17.82 11.15
CA ILE A 118 9.53 18.49 12.00
C ILE A 118 10.34 19.48 11.15
N GLY A 119 11.05 20.38 11.81
CA GLY A 119 11.82 21.37 11.07
C GLY A 119 12.12 22.63 11.86
N GLU A 120 13.17 23.33 11.47
CA GLU A 120 13.63 24.50 12.24
C GLU A 120 13.23 25.82 11.57
N THR A 121 13.25 26.89 12.37
CA THR A 121 13.01 28.24 11.85
C THR A 121 14.24 28.85 11.21
N LEU A 122 14.03 29.95 10.50
CA LEU A 122 15.13 30.70 9.92
C LEU A 122 16.21 31.08 10.96
N GLN A 123 15.77 31.59 12.11
CA GLN A 123 16.70 32.03 13.17
C GLN A 123 17.49 30.84 13.74
N GLU A 124 16.83 29.70 13.89
CA GLU A 124 17.49 28.49 14.38
C GLU A 124 18.55 27.99 13.40
N ARG A 125 18.22 28.02 12.12
CA ARG A 125 19.17 27.68 11.05
C ARG A 125 20.38 28.61 11.10
N GLU A 126 20.12 29.92 11.07
CA GLU A 126 21.23 30.91 11.04
C GLU A 126 22.16 30.79 12.25
N SER A 127 21.59 30.43 13.40
CA SER A 127 22.33 30.42 14.69
C SER A 127 23.02 29.08 14.98
N GLY A 128 22.86 28.11 14.08
CA GLY A 128 23.52 26.81 14.19
C GLY A 128 22.73 25.86 15.07
N ARG A 129 21.44 26.15 15.26
CA ARG A 129 20.60 25.36 16.15
C ARG A 129 19.71 24.35 15.46
N THR A 130 19.87 24.19 14.16
CA THR A 130 19.03 23.20 13.44
C THR A 130 19.01 21.82 14.08
N ALA A 131 20.19 21.24 14.32
CA ALA A 131 20.27 19.88 14.90
C ALA A 131 19.59 19.73 16.27
N VAL A 132 19.92 20.58 17.23
CA VAL A 132 19.26 20.46 18.52
CA VAL A 132 19.26 20.53 18.55
C VAL A 132 17.75 20.67 18.41
N VAL A 133 17.29 21.59 17.56
CA VAL A 133 15.85 21.85 17.42
C VAL A 133 15.13 20.65 16.81
N VAL A 134 15.63 20.17 15.68
CA VAL A 134 15.01 19.06 14.92
CA VAL A 134 14.93 19.08 14.97
C VAL A 134 15.03 17.75 15.73
N LEU A 135 16.20 17.48 16.31
CA LEU A 135 16.35 16.24 17.08
C LEU A 135 15.50 16.27 18.35
N THR A 136 15.35 17.45 18.96
CA THR A 136 14.48 17.55 20.13
C THR A 136 12.99 17.33 19.70
N GLN A 137 12.63 17.79 18.50
CA GLN A 137 11.27 17.54 18.04
C GLN A 137 10.97 16.05 17.82
N ILE A 138 11.91 15.34 17.20
CA ILE A 138 11.75 13.88 16.97
CA ILE A 138 11.67 13.91 16.98
C ILE A 138 11.86 13.08 18.26
N ALA A 139 12.74 13.54 19.16
CA ALA A 139 12.89 12.88 20.46
C ALA A 139 11.58 12.87 21.23
N ALA A 140 10.81 13.96 21.12
CA ALA A 140 9.55 14.10 21.86
C ALA A 140 8.56 13.05 21.34
N ILE A 141 8.56 12.86 20.01
CA ILE A 141 7.69 11.88 19.37
C ILE A 141 8.12 10.47 19.80
N ALA A 142 9.42 10.17 19.74
CA ALA A 142 9.94 8.84 20.08
C ALA A 142 9.62 8.42 21.52
N LYS A 143 9.63 9.39 22.45
CA LYS A 143 9.36 9.14 23.89
C LYS A 143 7.97 8.55 24.10
N LYS A 144 7.05 8.82 23.17
CA LYS A 144 5.68 8.35 23.32
C LYS A 144 5.39 7.10 22.50
N LEU A 145 6.39 6.59 21.79
CA LEU A 145 6.20 5.44 20.91
C LEU A 145 7.03 4.24 21.35
N LYS A 146 6.57 3.04 20.99
CA LYS A 146 7.41 1.85 21.16
C LYS A 146 8.07 1.52 19.81
N LYS A 147 9.12 0.70 19.84
CA LYS A 147 9.87 0.40 18.62
C LYS A 147 8.97 -0.08 17.47
N ALA A 148 8.04 -1.00 17.77
CA ALA A 148 7.18 -1.54 16.70
C ALA A 148 6.28 -0.48 16.03
N ASP A 149 6.03 0.64 16.71
CA ASP A 149 5.19 1.72 16.20
C ASP A 149 5.78 2.42 14.99
N TRP A 150 7.10 2.35 14.85
CA TRP A 150 7.77 3.03 13.74
C TRP A 150 7.43 2.52 12.34
N ALA A 151 6.91 1.29 12.23
CA ALA A 151 6.34 0.78 10.98
C ALA A 151 5.19 1.68 10.49
N LYS A 152 4.58 2.43 11.41
CA LYS A 152 3.44 3.30 11.08
C LYS A 152 3.79 4.80 10.97
N VAL A 153 5.08 5.13 11.08
CA VAL A 153 5.51 6.53 11.09
C VAL A 153 6.31 6.85 9.83
N VAL A 154 6.09 8.07 9.37
CA VAL A 154 6.87 8.67 8.28
C VAL A 154 7.27 10.03 8.82
N ILE A 155 8.52 10.43 8.60
CA ILE A 155 8.93 11.79 9.03
C ILE A 155 8.97 12.72 7.81
N ALA A 156 8.41 13.92 7.94
CA ALA A 156 8.55 14.97 6.91
C ALA A 156 9.42 16.07 7.50
N TYR A 157 10.59 16.26 6.93
CA TYR A 157 11.45 17.37 7.33
C TYR A 157 11.14 18.57 6.46
N GLU A 158 10.70 19.66 7.07
CA GLU A 158 10.42 20.88 6.30
C GLU A 158 10.99 22.09 7.04
N PRO A 159 12.06 22.69 6.48
CA PRO A 159 12.59 23.92 7.15
C PRO A 159 11.52 24.99 7.05
N VAL A 160 11.20 25.67 8.16
CA VAL A 160 10.11 26.67 8.12
C VAL A 160 10.41 27.78 7.11
N TRP A 161 11.70 28.09 6.94
CA TRP A 161 12.14 29.12 6.03
C TRP A 161 11.96 28.76 4.53
N ALA A 162 11.65 27.50 4.26
CA ALA A 162 11.40 27.03 2.90
C ALA A 162 9.91 26.89 2.58
N ILE A 163 9.07 27.09 3.59
CA ILE A 163 7.62 26.89 3.40
C ILE A 163 6.95 28.18 2.95
N GLY A 164 6.39 28.15 1.74
CA GLY A 164 5.70 29.32 1.14
C GLY A 164 6.53 30.52 0.76
N THR A 165 7.85 30.40 0.84
CA THR A 165 8.78 31.50 0.63
C THR A 165 9.42 31.45 -0.77
N GLY A 166 9.26 30.32 -1.45
CA GLY A 166 9.96 30.02 -2.70
C GLY A 166 11.46 29.77 -2.57
N LYS A 167 11.96 29.69 -1.34
CA LYS A 167 13.35 29.29 -1.09
C LYS A 167 13.40 27.82 -0.73
N VAL A 168 13.67 26.96 -1.71
CA VAL A 168 13.83 25.54 -1.46
C VAL A 168 15.22 25.27 -0.84
N ALA A 169 15.32 24.24 0.00
CA ALA A 169 16.62 23.75 0.46
C ALA A 169 17.43 23.27 -0.73
N THR A 170 18.75 23.51 -0.70
CA THR A 170 19.62 22.91 -1.72
C THR A 170 19.64 21.40 -1.50
N PRO A 171 20.01 20.63 -2.55
CA PRO A 171 20.16 19.19 -2.34
C PRO A 171 21.08 18.87 -1.16
N GLN A 172 22.17 19.64 -0.98
CA GLN A 172 23.10 19.46 0.14
C GLN A 172 22.43 19.69 1.49
N GLN A 173 21.67 20.79 1.60
CA GLN A 173 20.94 21.09 2.85
C GLN A 173 19.94 19.99 3.18
N ALA A 174 19.15 19.56 2.20
CA ALA A 174 18.18 18.49 2.46
C ALA A 174 18.89 17.21 2.93
N GLN A 175 19.91 16.81 2.19
CA GLN A 175 20.63 15.60 2.51
C GLN A 175 21.24 15.62 3.90
N GLU A 176 21.86 16.74 4.26
CA GLU A 176 22.50 16.85 5.54
C GLU A 176 21.49 16.72 6.69
N ALA A 177 20.33 17.35 6.50
CA ALA A 177 19.29 17.25 7.52
C ALA A 177 18.72 15.84 7.61
N HIS A 178 18.44 15.24 6.46
CA HIS A 178 17.86 13.89 6.46
C HIS A 178 18.84 12.86 7.04
N ALA A 179 20.12 13.01 6.71
CA ALA A 179 21.13 12.09 7.25
C ALA A 179 21.21 12.22 8.78
N LEU A 180 21.09 13.45 9.28
CA LEU A 180 21.17 13.72 10.72
C LEU A 180 20.02 13.03 11.46
N ILE A 181 18.80 13.22 10.94
CA ILE A 181 17.62 12.55 11.47
C ILE A 181 17.77 11.01 11.43
N ARG A 182 18.27 10.48 10.32
CA ARG A 182 18.37 9.04 10.19
C ARG A 182 19.42 8.47 11.16
N SER A 183 20.49 9.22 11.34
CA SER A 183 21.56 8.83 12.25
CA SER A 183 21.57 8.83 12.25
C SER A 183 21.05 8.75 13.69
N TRP A 184 20.20 9.71 14.07
CA TRP A 184 19.63 9.76 15.43
C TRP A 184 18.68 8.55 15.60
N VAL A 185 17.84 8.29 14.60
CA VAL A 185 16.95 7.13 14.65
C VAL A 185 17.73 5.82 14.76
N SER A 186 18.82 5.73 13.99
CA SER A 186 19.65 4.54 14.02
C SER A 186 20.24 4.32 15.42
N SER A 187 20.73 5.39 16.04
CA SER A 187 21.35 5.32 17.37
CA SER A 187 21.35 5.27 17.36
C SER A 187 20.36 5.11 18.51
N LYS A 188 19.24 5.83 18.45
CA LYS A 188 18.27 5.79 19.57
C LYS A 188 17.18 4.74 19.47
N ILE A 189 16.81 4.34 18.25
CA ILE A 189 15.71 3.40 18.06
C ILE A 189 16.19 2.05 17.49
N GLY A 190 17.08 2.10 16.50
CA GLY A 190 17.66 0.92 15.90
C GLY A 190 17.97 1.13 14.42
N ALA A 191 19.06 0.48 13.96
CA ALA A 191 19.47 0.53 12.55
C ALA A 191 18.41 -0.09 11.65
N ASP A 192 17.71 -1.10 12.17
CA ASP A 192 16.66 -1.74 11.40
C ASP A 192 15.52 -0.74 11.09
N VAL A 193 15.07 -0.03 12.12
CA VAL A 193 14.07 1.03 11.99
C VAL A 193 14.58 2.14 11.06
N ALA A 194 15.82 2.59 11.30
CA ALA A 194 16.34 3.69 10.47
C ALA A 194 16.38 3.34 8.98
N GLY A 195 16.72 2.09 8.65
CA GLY A 195 16.81 1.67 7.25
C GLY A 195 15.49 1.71 6.50
N GLU A 196 14.40 1.47 7.23
CA GLU A 196 13.04 1.36 6.62
C GLU A 196 12.27 2.67 6.67
N LEU A 197 12.76 3.61 7.47
CA LEU A 197 12.05 4.86 7.73
C LEU A 197 12.01 5.73 6.48
N ARG A 198 10.81 6.16 6.08
CA ARG A 198 10.78 7.21 5.04
C ARG A 198 10.93 8.59 5.68
N ILE A 199 11.86 9.35 5.12
CA ILE A 199 12.05 10.75 5.53
C ILE A 199 11.82 11.59 4.26
N LEU A 200 10.71 12.34 4.26
CA LEU A 200 10.31 13.19 3.12
C LEU A 200 10.82 14.61 3.31
N TYR A 201 11.13 15.26 2.19
CA TYR A 201 11.49 16.69 2.22
C TYR A 201 10.24 17.53 1.77
N GLY A 202 10.00 18.67 2.44
CA GLY A 202 9.02 19.64 1.91
C GLY A 202 9.48 21.05 2.18
N GLY A 203 8.93 22.00 1.42
CA GLY A 203 9.31 23.43 1.48
C GLY A 203 9.77 23.87 0.10
N SER A 204 8.81 24.42 -0.65
CA SER A 204 9.05 24.95 -2.00
C SER A 204 9.54 23.90 -3.01
N VAL A 205 9.10 22.64 -2.83
CA VAL A 205 9.31 21.62 -3.87
C VAL A 205 8.43 21.94 -5.08
N ASN A 206 9.02 21.81 -6.25
CA ASN A 206 8.22 21.95 -7.46
C ASN A 206 8.59 20.93 -8.47
N GLY A 207 7.91 21.05 -9.62
CA GLY A 207 8.05 20.10 -10.70
C GLY A 207 9.45 20.09 -11.26
N LYS A 208 10.11 21.25 -11.22
CA LYS A 208 11.46 21.38 -11.75
C LYS A 208 12.56 20.90 -10.81
N ASN A 209 12.44 21.15 -9.49
CA ASN A 209 13.51 20.85 -8.52
C ASN A 209 13.45 19.48 -7.80
N ALA A 210 12.32 18.80 -7.94
CA ALA A 210 12.09 17.59 -7.12
C ALA A 210 13.02 16.42 -7.49
N ARG A 211 13.24 16.22 -8.78
CA ARG A 211 14.02 15.05 -9.21
C ARG A 211 15.47 15.13 -8.68
N THR A 212 16.04 16.33 -8.69
CA THR A 212 17.40 16.50 -8.18
C THR A 212 17.45 16.17 -6.66
N LEU A 213 16.46 16.68 -5.91
CA LEU A 213 16.42 16.39 -4.48
C LEU A 213 16.31 14.88 -4.23
N TYR A 214 15.52 14.21 -5.06
CA TYR A 214 15.28 12.79 -4.86
C TYR A 214 16.55 11.98 -5.05
N GLN A 215 17.51 12.50 -5.80
CA GLN A 215 18.75 11.74 -5.99
C GLN A 215 19.61 11.59 -4.72
N GLN A 216 19.38 12.43 -3.70
CA GLN A 216 20.17 12.35 -2.46
C GLN A 216 19.89 11.07 -1.69
N ARG A 217 20.94 10.55 -1.05
CA ARG A 217 20.92 9.25 -0.31
C ARG A 217 19.75 9.11 0.65
N ASP A 218 19.47 10.16 1.43
CA ASP A 218 18.52 10.03 2.54
C ASP A 218 17.14 10.65 2.32
N VAL A 219 16.84 11.02 1.08
CA VAL A 219 15.54 11.59 0.71
C VAL A 219 14.59 10.52 0.15
N ASN A 220 13.42 10.33 0.80
CA ASN A 220 12.51 9.25 0.37
C ASN A 220 11.20 9.77 -0.18
N GLY A 221 11.18 11.03 -0.60
CA GLY A 221 9.99 11.61 -1.18
C GLY A 221 9.69 13.00 -0.70
N PHE A 222 8.42 13.40 -0.82
CA PHE A 222 8.07 14.82 -0.74
C PHE A 222 6.74 15.08 -0.10
N LEU A 223 6.69 16.21 0.61
CA LEU A 223 5.41 16.82 0.97
C LEU A 223 5.29 18.11 0.15
N ALA A 224 4.22 18.21 -0.64
CA ALA A 224 4.07 19.26 -1.61
C ALA A 224 2.64 19.78 -1.61
N GLY A 225 2.35 20.77 -2.45
CA GLY A 225 0.97 21.30 -2.56
C GLY A 225 0.07 20.47 -3.45
N LEU A 226 -1.24 20.70 -3.34
CA LEU A 226 -2.22 20.03 -4.16
C LEU A 226 -2.38 20.90 -5.41
N LYS A 227 -1.57 20.60 -6.43
CA LYS A 227 -1.47 21.40 -7.64
C LYS A 227 -1.21 20.44 -8.80
N PRO A 228 -1.48 20.87 -10.06
CA PRO A 228 -1.16 20.02 -11.21
C PRO A 228 0.29 19.51 -11.28
N GLU A 229 1.25 20.32 -10.83
CA GLU A 229 2.67 19.89 -10.91
C GLU A 229 3.00 18.73 -9.95
N PHE A 230 2.06 18.40 -9.08
CA PHE A 230 2.22 17.22 -8.22
C PHE A 230 2.51 15.95 -9.02
N VAL A 231 1.92 15.87 -10.23
CA VAL A 231 2.20 14.74 -11.11
C VAL A 231 3.71 14.63 -11.40
N ASP A 232 4.38 15.78 -11.58
CA ASP A 232 5.83 15.77 -11.86
C ASP A 232 6.63 15.43 -10.60
N ILE A 233 6.11 15.81 -9.45
CA ILE A 233 6.73 15.43 -8.17
C ILE A 233 6.64 13.91 -7.92
N ILE A 234 5.48 13.32 -8.22
CA ILE A 234 5.35 11.85 -8.26
C ILE A 234 6.41 11.21 -9.19
N LYS A 235 6.52 11.72 -10.41
CA LYS A 235 7.49 11.21 -11.40
C LYS A 235 8.93 11.36 -10.90
N ALA A 236 9.19 12.39 -10.09
CA ALA A 236 10.54 12.62 -9.58
C ALA A 236 11.03 11.56 -8.57
N THR A 237 10.11 10.74 -8.04
CA THR A 237 10.46 9.68 -7.09
C THR A 237 10.79 8.37 -7.81
N GLN A 238 10.82 8.46 -9.16
CA GLN A 238 11.54 7.61 -10.17
C GLN A 238 10.76 6.97 -11.30
N SER B 1 -15.49 0.20 7.64
CA SER B 1 -15.12 0.27 6.21
C SER B 1 -14.26 -0.96 5.82
N LYS B 2 -14.59 -1.56 4.68
CA LYS B 2 -13.69 -2.56 4.06
C LYS B 2 -12.38 -1.93 3.59
N PRO B 3 -11.30 -2.71 3.59
CA PRO B 3 -10.06 -2.17 3.00
C PRO B 3 -10.17 -2.12 1.46
N GLN B 4 -9.19 -1.48 0.83
CA GLN B 4 -9.18 -1.34 -0.63
C GLN B 4 -9.33 -2.72 -1.30
N PRO B 5 -10.29 -2.90 -2.23
CA PRO B 5 -10.37 -4.21 -2.87
C PRO B 5 -9.26 -4.44 -3.91
N ILE B 6 -9.12 -5.69 -4.32
CA ILE B 6 -8.20 -6.10 -5.36
CA ILE B 6 -8.20 -6.11 -5.35
C ILE B 6 -8.94 -7.02 -6.31
N ALA B 7 -8.70 -6.81 -7.61
CA ALA B 7 -9.19 -7.71 -8.62
C ALA B 7 -7.94 -8.17 -9.34
N ALA B 8 -7.62 -9.47 -9.23
CA ALA B 8 -6.38 -10.04 -9.80
C ALA B 8 -6.71 -11.02 -10.91
N ALA B 9 -6.13 -10.82 -12.10
CA ALA B 9 -6.27 -11.77 -13.21
C ALA B 9 -5.00 -12.59 -13.32
N ASN B 10 -5.16 -13.91 -13.38
CA ASN B 10 -4.04 -14.83 -13.24
C ASN B 10 -3.84 -15.58 -14.55
N TRP B 11 -2.77 -15.24 -15.28
CA TRP B 11 -2.48 -15.90 -16.55
C TRP B 11 -2.29 -17.39 -16.39
N LYS B 12 -2.80 -18.13 -17.36
CA LYS B 12 -2.47 -19.54 -17.50
C LYS B 12 -2.45 -19.94 -18.94
N SER B 13 -1.78 -21.07 -19.20
CA SER B 13 -1.62 -21.57 -20.56
C SER B 13 -2.98 -21.98 -21.16
N GLY B 14 -3.12 -21.88 -22.47
CA GLY B 14 -4.29 -22.39 -23.19
C GLY B 14 -5.47 -21.45 -23.39
N SER B 15 -5.25 -20.15 -23.17
CA SER B 15 -6.29 -19.15 -23.45
C SER B 15 -6.68 -19.15 -24.93
N PRO B 16 -7.99 -18.99 -25.21
CA PRO B 16 -8.40 -18.85 -26.61
C PRO B 16 -8.32 -17.41 -27.12
N ASP B 17 -7.85 -16.50 -26.27
CA ASP B 17 -7.74 -15.08 -26.56
C ASP B 17 -6.28 -14.69 -26.81
N SER B 18 -6.07 -13.69 -27.66
CA SER B 18 -4.76 -13.07 -27.76
C SER B 18 -4.47 -12.26 -26.48
N LEU B 19 -3.32 -12.51 -25.83
CA LEU B 19 -2.93 -11.74 -24.63
C LEU B 19 -2.83 -10.23 -24.92
N SER B 20 -2.21 -9.90 -26.05
CA SER B 20 -2.09 -8.50 -26.44
CA SER B 20 -2.09 -8.49 -26.44
C SER B 20 -3.47 -7.87 -26.61
N GLU B 21 -4.40 -8.62 -27.20
CA GLU B 21 -5.78 -8.10 -27.34
C GLU B 21 -6.50 -7.90 -26.00
N LEU B 22 -6.27 -8.78 -25.03
CA LEU B 22 -6.84 -8.62 -23.70
C LEU B 22 -6.25 -7.40 -22.99
N ILE B 23 -4.94 -7.21 -23.09
CA ILE B 23 -4.32 -6.02 -22.53
CA ILE B 23 -4.30 -6.01 -22.57
C ILE B 23 -4.94 -4.75 -23.16
N ASP B 24 -5.14 -4.76 -24.48
CA ASP B 24 -5.84 -3.63 -25.14
C ASP B 24 -7.24 -3.39 -24.54
N LEU B 25 -8.00 -4.48 -24.35
CA LEU B 25 -9.31 -4.36 -23.72
C LEU B 25 -9.20 -3.69 -22.36
N PHE B 26 -8.31 -4.19 -21.51
CA PHE B 26 -8.18 -3.59 -20.18
C PHE B 26 -7.79 -2.10 -20.25
N ASN B 27 -6.86 -1.76 -21.13
CA ASN B 27 -6.38 -0.37 -21.27
C ASN B 27 -7.50 0.57 -21.65
N SER B 28 -8.51 0.06 -22.38
CA SER B 28 -9.62 0.88 -22.88
C SER B 28 -10.80 0.96 -21.89
N THR B 29 -10.69 0.26 -20.75
CA THR B 29 -11.81 0.11 -19.81
C THR B 29 -11.88 1.27 -18.79
N SER B 30 -13.07 1.85 -18.64
CA SER B 30 -13.31 2.88 -17.63
CA SER B 30 -13.34 2.88 -17.64
C SER B 30 -13.68 2.24 -16.30
N ILE B 31 -12.94 2.60 -15.25
CA ILE B 31 -13.14 2.06 -13.89
C ILE B 31 -13.15 3.27 -12.95
N ASN B 32 -14.25 3.46 -12.22
CA ASN B 32 -14.45 4.74 -11.55
C ASN B 32 -14.35 4.73 -10.02
N HIS B 33 -14.06 3.53 -9.48
CA HIS B 33 -13.89 3.35 -8.03
C HIS B 33 -12.49 2.86 -7.73
N ASP B 34 -12.09 3.03 -6.46
CA ASP B 34 -10.78 2.61 -5.97
C ASP B 34 -10.70 1.09 -5.89
N VAL B 35 -9.99 0.50 -6.83
CA VAL B 35 -9.70 -0.94 -6.78
C VAL B 35 -8.32 -1.13 -7.40
N GLN B 36 -7.47 -1.92 -6.74
CA GLN B 36 -6.20 -2.28 -7.34
C GLN B 36 -6.39 -3.46 -8.27
N CYS B 37 -6.19 -3.22 -9.57
CA CYS B 37 -6.27 -4.31 -10.58
C CYS B 37 -4.86 -4.88 -10.79
N VAL B 38 -4.77 -6.20 -10.91
CA VAL B 38 -3.45 -6.86 -11.00
C VAL B 38 -3.50 -7.83 -12.16
N VAL B 39 -2.46 -7.81 -13.00
CA VAL B 39 -2.35 -8.82 -14.07
C VAL B 39 -1.13 -9.66 -13.79
N ALA B 40 -1.34 -10.91 -13.33
CA ALA B 40 -0.20 -11.79 -13.00
C ALA B 40 0.20 -12.52 -14.27
N SER B 41 1.48 -12.40 -14.62
CA SER B 41 2.00 -12.79 -15.93
CA SER B 41 1.97 -12.76 -15.91
C SER B 41 3.07 -13.84 -15.80
N THR B 42 3.15 -14.74 -16.78
CA THR B 42 4.21 -15.72 -16.75
CA THR B 42 4.23 -15.73 -16.84
C THR B 42 5.52 -15.06 -17.21
N PHE B 43 6.65 -15.65 -16.84
CA PHE B 43 7.94 -15.00 -17.11
C PHE B 43 8.12 -14.58 -18.57
N VAL B 44 7.80 -15.48 -19.50
CA VAL B 44 8.04 -15.23 -20.91
CA VAL B 44 7.97 -15.27 -20.94
C VAL B 44 7.18 -14.08 -21.48
N HIS B 45 6.11 -13.69 -20.76
CA HIS B 45 5.28 -12.55 -21.23
C HIS B 45 5.46 -11.26 -20.41
N LEU B 46 6.37 -11.27 -19.44
CA LEU B 46 6.57 -10.07 -18.60
C LEU B 46 6.99 -8.82 -19.38
N ALA B 47 7.98 -8.95 -20.25
CA ALA B 47 8.42 -7.81 -21.04
C ALA B 47 7.28 -7.19 -21.87
N MET B 48 6.55 -8.03 -22.60
CA MET B 48 5.48 -7.54 -23.46
CA MET B 48 5.45 -7.60 -23.46
C MET B 48 4.35 -6.91 -22.62
N THR B 49 4.05 -7.50 -21.48
CA THR B 49 2.94 -7.00 -20.64
C THR B 49 3.34 -5.67 -20.04
N LYS B 50 4.60 -5.53 -19.64
CA LYS B 50 5.14 -4.25 -19.14
C LYS B 50 5.11 -3.15 -20.20
N GLU B 51 5.38 -3.51 -21.44
CA GLU B 51 5.40 -2.51 -22.50
C GLU B 51 3.98 -2.07 -22.83
N ARG B 52 3.05 -3.02 -22.82
CA ARG B 52 1.72 -2.76 -23.38
C ARG B 52 0.69 -2.29 -22.37
N LEU B 53 0.81 -2.76 -21.12
CA LEU B 53 -0.19 -2.42 -20.11
C LEU B 53 -0.01 -0.98 -19.66
N SER B 54 -1.09 -0.20 -19.71
CA SER B 54 -0.99 1.24 -19.45
C SER B 54 -2.03 1.81 -18.48
N HIS B 55 -3.02 1.03 -18.08
CA HIS B 55 -4.14 1.56 -17.35
C HIS B 55 -3.68 2.01 -15.96
N PRO B 56 -4.04 3.22 -15.54
CA PRO B 56 -3.57 3.69 -14.23
C PRO B 56 -3.93 2.80 -13.05
N LYS B 57 -5.03 2.04 -13.13
CA LYS B 57 -5.48 1.18 -11.99
C LYS B 57 -4.86 -0.22 -12.01
N PHE B 58 -3.98 -0.49 -12.97
CA PHE B 58 -3.39 -1.83 -13.13
C PHE B 58 -1.90 -1.84 -12.78
N VAL B 59 -1.50 -2.95 -12.14
CA VAL B 59 -0.09 -3.27 -11.92
C VAL B 59 0.16 -4.68 -12.45
N ILE B 60 1.43 -4.93 -12.77
CA ILE B 60 1.89 -6.25 -13.20
CA ILE B 60 1.85 -6.26 -13.20
CA ILE B 60 1.85 -6.25 -13.21
C ILE B 60 2.35 -7.09 -12.02
N ALA B 61 2.08 -8.39 -12.06
CA ALA B 61 2.61 -9.31 -11.05
C ALA B 61 3.32 -10.43 -11.73
N ALA B 62 4.38 -10.92 -11.06
CA ALA B 62 5.02 -12.18 -11.49
C ALA B 62 4.24 -13.35 -10.85
N GLN B 63 4.66 -14.56 -11.21
CA GLN B 63 4.07 -15.79 -10.65
C GLN B 63 5.22 -16.70 -10.22
N ASN B 64 5.14 -17.22 -8.98
CA ASN B 64 5.93 -18.40 -8.57
C ASN B 64 7.44 -18.30 -8.38
N ALA B 65 8.02 -17.13 -8.70
CA ALA B 65 9.45 -16.91 -8.42
C ALA B 65 9.76 -17.20 -6.95
N GLY B 66 10.85 -17.89 -6.69
CA GLY B 66 11.27 -18.31 -5.32
C GLY B 66 12.75 -18.06 -5.05
N ASN B 67 13.52 -17.70 -6.07
CA ASN B 67 14.95 -17.51 -5.89
C ASN B 67 15.21 -16.03 -5.51
N ALA B 68 16.05 -15.78 -4.50
CA ALA B 68 16.23 -14.39 -4.01
C ALA B 68 16.81 -13.44 -5.06
N ASP B 69 17.77 -13.92 -5.86
CA ASP B 69 18.33 -13.14 -6.96
C ASP B 69 17.29 -12.83 -8.04
N ALA B 70 16.46 -13.83 -8.37
CA ALA B 70 15.42 -13.60 -9.36
C ALA B 70 14.40 -12.56 -8.87
N LEU B 71 14.06 -12.62 -7.59
CA LEU B 71 13.12 -11.67 -6.97
C LEU B 71 13.69 -10.24 -7.02
N ALA B 72 14.98 -10.08 -6.76
CA ALA B 72 15.63 -8.76 -6.87
C ALA B 72 15.61 -8.29 -8.31
N SER B 73 15.82 -9.22 -9.25
CA SER B 73 15.83 -8.82 -10.67
C SER B 73 14.46 -8.35 -11.11
N LEU B 74 13.42 -9.05 -10.65
CA LEU B 74 12.07 -8.66 -10.94
C LEU B 74 11.75 -7.26 -10.40
N LYS B 75 12.19 -6.99 -9.17
CA LYS B 75 12.00 -5.67 -8.56
C LYS B 75 12.69 -4.58 -9.41
N ASP B 76 13.90 -4.87 -9.85
CA ASP B 76 14.70 -3.93 -10.67
C ASP B 76 14.02 -3.68 -12.00
N PHE B 77 13.32 -4.69 -12.52
CA PHE B 77 12.57 -4.56 -13.77
C PHE B 77 11.26 -3.79 -13.55
N GLY B 78 10.91 -3.46 -12.31
CA GLY B 78 9.66 -2.72 -12.06
C GLY B 78 8.46 -3.55 -11.72
N VAL B 79 8.66 -4.85 -11.46
CA VAL B 79 7.58 -5.72 -10.97
C VAL B 79 7.52 -5.71 -9.43
N ASN B 80 6.38 -5.31 -8.88
CA ASN B 80 6.25 -5.12 -7.43
C ASN B 80 5.25 -6.04 -6.73
N TRP B 81 4.59 -6.90 -7.52
CA TRP B 81 3.59 -7.83 -6.99
C TRP B 81 3.93 -9.24 -7.47
N ILE B 82 3.44 -10.25 -6.73
CA ILE B 82 3.71 -11.63 -7.09
C ILE B 82 2.60 -12.51 -6.53
N VAL B 83 2.23 -13.51 -7.31
CA VAL B 83 1.23 -14.53 -6.89
C VAL B 83 1.98 -15.80 -6.57
N LEU B 84 1.71 -16.36 -5.38
CA LEU B 84 2.38 -17.58 -4.92
C LEU B 84 1.41 -18.63 -4.42
N GLY B 85 1.78 -19.90 -4.50
CA GLY B 85 0.95 -20.96 -3.88
C GLY B 85 -0.30 -21.39 -4.61
N HIS B 86 -0.46 -20.98 -5.88
CA HIS B 86 -1.64 -21.39 -6.65
C HIS B 86 -1.77 -22.93 -6.70
N SER B 87 -3.01 -23.41 -6.81
CA SER B 87 -3.36 -24.82 -6.72
CA SER B 87 -3.35 -24.82 -6.70
C SER B 87 -2.34 -25.78 -7.35
N GLU B 88 -2.08 -25.63 -8.64
CA GLU B 88 -1.21 -26.58 -9.35
C GLU B 88 0.21 -26.62 -8.79
N ARG B 89 0.67 -25.51 -8.22
CA ARG B 89 2.01 -25.51 -7.56
CA ARG B 89 2.01 -25.55 -7.64
C ARG B 89 2.07 -26.58 -6.51
N ARG B 90 0.95 -26.72 -5.79
CA ARG B 90 0.84 -27.67 -4.70
C ARG B 90 0.57 -29.10 -5.25
N TRP B 91 -0.50 -29.30 -6.05
CA TRP B 91 -0.86 -30.68 -6.44
C TRP B 91 -0.02 -31.30 -7.56
N TYR B 92 0.69 -30.46 -8.33
CA TYR B 92 1.48 -31.00 -9.45
C TYR B 92 2.97 -30.82 -9.16
N TYR B 93 3.36 -29.57 -8.90
CA TYR B 93 4.77 -29.22 -8.76
C TYR B 93 5.36 -29.59 -7.40
N GLY B 94 4.51 -29.93 -6.44
CA GLY B 94 5.02 -30.45 -5.17
C GLY B 94 5.43 -29.37 -4.20
N GLU B 95 4.89 -28.16 -4.33
CA GLU B 95 5.18 -27.12 -3.34
C GLU B 95 4.39 -27.40 -2.09
N THR B 96 5.10 -27.72 -1.00
CA THR B 96 4.47 -27.97 0.29
C THR B 96 4.11 -26.65 0.98
N ASN B 97 3.42 -26.72 2.11
CA ASN B 97 3.07 -25.50 2.85
C ASN B 97 4.30 -24.72 3.20
N GLU B 98 5.37 -25.43 3.50
CA GLU B 98 6.64 -24.85 3.92
C GLU B 98 7.36 -24.21 2.74
N ILE B 99 7.31 -24.87 1.56
CA ILE B 99 7.91 -24.26 0.36
C ILE B 99 7.19 -22.97 0.02
N VAL B 100 5.85 -23.01 0.03
CA VAL B 100 5.07 -21.77 -0.26
C VAL B 100 5.41 -20.66 0.76
N ALA B 101 5.42 -21.00 2.05
CA ALA B 101 5.75 -20.03 3.09
C ALA B 101 7.13 -19.42 2.86
N ASP B 102 8.11 -20.26 2.49
CA ASP B 102 9.46 -19.74 2.24
C ASP B 102 9.48 -18.76 1.06
N LYS B 103 8.68 -19.05 0.04
CA LYS B 103 8.60 -18.13 -1.11
C LYS B 103 7.94 -16.83 -0.69
N VAL B 104 6.87 -16.90 0.11
CA VAL B 104 6.22 -15.67 0.56
C VAL B 104 7.21 -14.79 1.34
N ALA B 105 7.97 -15.40 2.25
CA ALA B 105 8.92 -14.66 3.07
C ALA B 105 10.02 -14.06 2.21
N ALA B 106 10.51 -14.82 1.24
CA ALA B 106 11.56 -14.29 0.35
C ALA B 106 11.02 -13.10 -0.46
N ALA B 107 9.78 -13.22 -0.95
CA ALA B 107 9.18 -12.13 -1.71
C ALA B 107 8.97 -10.85 -0.85
N VAL B 108 8.38 -11.00 0.34
CA VAL B 108 8.18 -9.86 1.24
C VAL B 108 9.55 -9.21 1.57
N ALA B 109 10.59 -10.03 1.84
CA ALA B 109 11.94 -9.50 2.14
C ALA B 109 12.52 -8.67 0.98
N SER B 110 12.17 -9.08 -0.24
CA SER B 110 12.60 -8.45 -1.49
CA SER B 110 12.60 -8.44 -1.48
C SER B 110 11.75 -7.24 -1.86
N GLY B 111 10.70 -6.95 -1.09
CA GLY B 111 9.93 -5.75 -1.33
C GLY B 111 8.66 -5.90 -2.16
N PHE B 112 8.16 -7.11 -2.25
CA PHE B 112 6.93 -7.34 -2.97
C PHE B 112 5.67 -7.21 -2.15
N MET B 113 4.56 -6.90 -2.85
CA MET B 113 3.21 -7.20 -2.39
C MET B 113 2.93 -8.62 -2.86
N VAL B 114 2.49 -9.47 -1.95
CA VAL B 114 2.31 -10.90 -2.23
C VAL B 114 0.85 -11.34 -2.14
N ILE B 115 0.33 -11.98 -3.18
CA ILE B 115 -0.96 -12.66 -3.09
C ILE B 115 -0.66 -14.14 -2.90
N ALA B 116 -0.97 -14.64 -1.71
CA ALA B 116 -0.67 -16.04 -1.34
C ALA B 116 -1.97 -16.83 -1.39
N CYS B 117 -1.98 -17.91 -2.16
CA CYS B 117 -3.20 -18.73 -2.36
C CYS B 117 -3.30 -19.89 -1.37
N ILE B 118 -4.51 -20.09 -0.83
CA ILE B 118 -4.79 -21.19 0.12
C ILE B 118 -6.15 -21.77 -0.25
N GLY B 119 -6.46 -22.98 0.20
CA GLY B 119 -7.75 -23.60 -0.23
C GLY B 119 -7.68 -25.11 -0.11
N GLU B 120 -8.84 -25.73 0.12
CA GLU B 120 -8.91 -27.18 0.31
C GLU B 120 -9.39 -27.91 -0.95
N THR B 121 -9.14 -29.21 -1.01
CA THR B 121 -9.66 -30.07 -2.13
C THR B 121 -11.10 -30.50 -1.87
N LEU B 122 -11.72 -31.09 -2.89
CA LEU B 122 -13.05 -31.63 -2.74
C LEU B 122 -13.07 -32.73 -1.65
N GLN B 123 -12.07 -33.62 -1.67
CA GLN B 123 -11.98 -34.71 -0.68
C GLN B 123 -11.92 -34.12 0.74
N GLU B 124 -11.14 -33.05 0.91
CA GLU B 124 -11.00 -32.41 2.19
C GLU B 124 -12.30 -31.73 2.61
N ARG B 125 -12.96 -31.05 1.67
CA ARG B 125 -14.26 -30.41 1.96
C ARG B 125 -15.28 -31.48 2.37
N GLU B 126 -15.37 -32.55 1.60
CA GLU B 126 -16.38 -33.59 1.87
C GLU B 126 -16.10 -34.41 3.13
N SER B 127 -14.86 -34.41 3.60
CA SER B 127 -14.51 -35.14 4.82
C SER B 127 -14.44 -34.24 6.07
N GLY B 128 -14.94 -33.01 5.96
CA GLY B 128 -15.04 -32.07 7.10
C GLY B 128 -13.71 -31.47 7.53
N ARG B 129 -12.74 -31.44 6.60
CA ARG B 129 -11.38 -31.00 6.93
C ARG B 129 -10.99 -29.61 6.40
N THR B 130 -11.97 -28.87 5.87
CA THR B 130 -11.67 -27.54 5.32
C THR B 130 -10.90 -26.65 6.33
N ALA B 131 -11.42 -26.56 7.56
CA ALA B 131 -10.84 -25.63 8.54
C ALA B 131 -9.40 -26.02 8.86
N VAL B 132 -9.15 -27.30 9.19
CA VAL B 132 -7.77 -27.71 9.47
CA VAL B 132 -7.78 -27.71 9.48
C VAL B 132 -6.86 -27.47 8.28
N VAL B 133 -7.34 -27.77 7.07
CA VAL B 133 -6.47 -27.55 5.91
C VAL B 133 -6.11 -26.07 5.70
N VAL B 134 -7.12 -25.19 5.69
CA VAL B 134 -6.93 -23.77 5.37
CA VAL B 134 -6.85 -23.79 5.34
C VAL B 134 -6.10 -23.11 6.49
N LEU B 135 -6.41 -23.46 7.74
CA LEU B 135 -5.69 -22.86 8.88
C LEU B 135 -4.23 -23.34 8.97
N THR B 136 -3.99 -24.57 8.52
CA THR B 136 -2.63 -25.11 8.46
C THR B 136 -1.85 -24.39 7.37
N GLN B 137 -2.49 -24.12 6.22
CA GLN B 137 -1.79 -23.45 5.13
C GLN B 137 -1.38 -22.02 5.51
N ILE B 138 -2.30 -21.30 6.16
CA ILE B 138 -1.97 -19.90 6.60
C ILE B 138 -1.00 -19.85 7.77
N ALA B 139 -1.16 -20.79 8.71
CA ALA B 139 -0.19 -20.84 9.83
C ALA B 139 1.25 -21.06 9.33
N ALA B 140 1.42 -21.86 8.28
CA ALA B 140 2.76 -22.11 7.71
C ALA B 140 3.38 -20.81 7.17
N ILE B 141 2.54 -20.02 6.48
CA ILE B 141 2.97 -18.73 5.98
CA ILE B 141 2.92 -18.70 5.99
C ILE B 141 3.31 -17.80 7.16
N ALA B 142 2.40 -17.73 8.15
CA ALA B 142 2.65 -16.81 9.28
C ALA B 142 3.94 -17.11 10.04
N LYS B 143 4.30 -18.40 10.11
CA LYS B 143 5.48 -18.87 10.88
C LYS B 143 6.75 -18.22 10.32
N LYS B 144 6.71 -17.81 9.06
CA LYS B 144 7.93 -17.31 8.41
C LYS B 144 7.94 -15.78 8.28
N LEU B 145 6.90 -15.14 8.82
CA LEU B 145 6.73 -13.69 8.78
C LEU B 145 6.76 -13.03 10.15
N LYS B 146 6.99 -11.72 10.16
CA LYS B 146 6.79 -10.88 11.34
C LYS B 146 5.51 -10.04 11.18
N LYS B 147 5.02 -9.51 12.29
CA LYS B 147 3.77 -8.74 12.26
C LYS B 147 3.75 -7.65 11.18
N ALA B 148 4.82 -6.84 11.09
CA ALA B 148 4.88 -5.75 10.12
C ALA B 148 4.79 -6.18 8.66
N ASP B 149 5.15 -7.43 8.36
CA ASP B 149 5.16 -7.95 6.99
C ASP B 149 3.75 -8.09 6.44
N TRP B 150 2.75 -8.21 7.31
CA TRP B 150 1.36 -8.39 6.84
C TRP B 150 0.79 -7.22 6.01
N ALA B 151 1.37 -6.02 6.18
CA ALA B 151 1.07 -4.88 5.32
C ALA B 151 1.33 -5.19 3.84
N LYS B 152 2.13 -6.21 3.58
CA LYS B 152 2.54 -6.56 2.22
C LYS B 152 1.90 -7.87 1.76
N VAL B 153 0.97 -8.43 2.55
CA VAL B 153 0.38 -9.74 2.27
C VAL B 153 -1.10 -9.58 1.91
N VAL B 154 -1.52 -10.35 0.90
CA VAL B 154 -2.93 -10.53 0.53
C VAL B 154 -3.20 -12.03 0.48
N ILE B 155 -4.34 -12.49 1.02
CA ILE B 155 -4.66 -13.91 0.95
C ILE B 155 -5.72 -14.15 -0.12
N ALA B 156 -5.52 -15.16 -0.98
CA ALA B 156 -6.58 -15.57 -1.88
C ALA B 156 -7.07 -16.95 -1.43
N TYR B 157 -8.36 -17.04 -1.09
CA TYR B 157 -8.99 -18.32 -0.73
C TYR B 157 -9.63 -18.89 -2.01
N GLU B 158 -9.10 -20.05 -2.46
CA GLU B 158 -9.58 -20.63 -3.72
C GLU B 158 -9.77 -22.13 -3.50
N PRO B 159 -11.01 -22.57 -3.23
CA PRO B 159 -11.23 -24.02 -3.02
C PRO B 159 -10.90 -24.75 -4.33
N VAL B 160 -10.08 -25.80 -4.27
CA VAL B 160 -9.64 -26.49 -5.50
C VAL B 160 -10.83 -27.02 -6.31
N TRP B 161 -11.89 -27.40 -5.61
CA TRP B 161 -13.12 -27.89 -6.26
C TRP B 161 -13.86 -26.85 -7.10
N ALA B 162 -13.49 -25.58 -6.92
CA ALA B 162 -14.13 -24.46 -7.67
C ALA B 162 -13.25 -24.01 -8.84
N ILE B 163 -12.03 -24.56 -8.97
CA ILE B 163 -11.11 -24.13 -10.04
C ILE B 163 -11.40 -24.83 -11.37
N GLY B 164 -11.94 -24.09 -12.32
CA GLY B 164 -12.21 -24.62 -13.67
C GLY B 164 -13.41 -25.54 -13.86
N THR B 165 -14.16 -25.74 -12.78
CA THR B 165 -15.24 -26.72 -12.75
C THR B 165 -16.61 -26.09 -12.96
N GLY B 166 -16.68 -24.75 -12.94
CA GLY B 166 -17.97 -24.07 -12.88
C GLY B 166 -18.66 -24.07 -11.51
N LYS B 167 -18.12 -24.83 -10.56
CA LYS B 167 -18.72 -24.95 -9.23
C LYS B 167 -18.22 -23.85 -8.32
N VAL B 168 -18.76 -22.66 -8.47
CA VAL B 168 -18.34 -21.54 -7.63
C VAL B 168 -18.85 -21.79 -6.19
N ALA B 169 -18.08 -21.33 -5.20
CA ALA B 169 -18.62 -21.29 -3.83
C ALA B 169 -19.86 -20.43 -3.75
N THR B 170 -20.83 -20.86 -2.95
CA THR B 170 -21.95 -19.98 -2.67
C THR B 170 -21.46 -18.79 -1.83
N PRO B 171 -22.27 -17.71 -1.79
CA PRO B 171 -21.90 -16.60 -0.95
C PRO B 171 -21.71 -17.04 0.53
N GLN B 172 -22.58 -17.93 1.01
CA GLN B 172 -22.44 -18.46 2.36
C GLN B 172 -21.15 -19.26 2.57
N GLN B 173 -20.77 -20.08 1.60
CA GLN B 173 -19.52 -20.84 1.75
C GLN B 173 -18.30 -19.91 1.73
N ALA B 174 -18.27 -18.95 0.80
CA ALA B 174 -17.15 -17.99 0.74
C ALA B 174 -17.05 -17.19 2.05
N GLN B 175 -18.16 -16.60 2.47
CA GLN B 175 -18.20 -15.84 3.72
C GLN B 175 -17.73 -16.65 4.92
N GLU B 176 -18.19 -17.91 5.04
CA GLU B 176 -17.79 -18.75 6.17
C GLU B 176 -16.24 -18.99 6.18
N ALA B 177 -15.67 -19.25 5.00
CA ALA B 177 -14.25 -19.53 4.88
C ALA B 177 -13.43 -18.27 5.16
N HIS B 178 -13.84 -17.15 4.56
CA HIS B 178 -13.16 -15.88 4.81
C HIS B 178 -13.26 -15.44 6.28
N ALA B 179 -14.43 -15.63 6.89
CA ALA B 179 -14.60 -15.26 8.31
C ALA B 179 -13.67 -16.10 9.19
N LEU B 180 -13.54 -17.38 8.88
CA LEU B 180 -12.62 -18.28 9.63
C LEU B 180 -11.15 -17.81 9.51
N ILE B 181 -10.71 -17.54 8.30
CA ILE B 181 -9.35 -17.04 8.04
C ILE B 181 -9.10 -15.74 8.85
N ARG B 182 -10.03 -14.79 8.74
CA ARG B 182 -9.88 -13.49 9.40
C ARG B 182 -9.83 -13.67 10.91
N SER B 183 -10.68 -14.55 11.44
CA SER B 183 -10.70 -14.85 12.87
CA SER B 183 -10.70 -14.85 12.88
C SER B 183 -9.34 -15.38 13.38
N TRP B 184 -8.73 -16.27 12.59
CA TRP B 184 -7.40 -16.82 12.94
C TRP B 184 -6.35 -15.71 12.97
N VAL B 185 -6.33 -14.89 11.91
CA VAL B 185 -5.38 -13.80 11.83
C VAL B 185 -5.56 -12.84 13.04
N SER B 186 -6.81 -12.51 13.35
CA SER B 186 -7.09 -11.62 14.49
C SER B 186 -6.51 -12.20 15.80
N SER B 187 -6.72 -13.48 16.04
CA SER B 187 -6.30 -14.12 17.28
C SER B 187 -4.79 -14.34 17.35
N LYS B 188 -4.17 -14.65 16.21
CA LYS B 188 -2.75 -15.02 16.19
C LYS B 188 -1.76 -13.89 15.86
N ILE B 189 -2.17 -12.96 14.98
CA ILE B 189 -1.32 -11.86 14.50
C ILE B 189 -1.75 -10.53 15.13
N GLY B 190 -3.06 -10.26 15.13
CA GLY B 190 -3.63 -9.09 15.77
C GLY B 190 -4.89 -8.57 15.10
N ALA B 191 -5.76 -7.96 15.89
CA ALA B 191 -7.01 -7.46 15.38
C ALA B 191 -6.80 -6.32 14.36
N ASP B 192 -5.78 -5.49 14.58
CA ASP B 192 -5.42 -4.47 13.59
C ASP B 192 -5.10 -5.05 12.19
N VAL B 193 -4.23 -6.06 12.19
CA VAL B 193 -3.80 -6.72 10.98
C VAL B 193 -5.01 -7.35 10.29
N ALA B 194 -5.84 -8.00 11.08
CA ALA B 194 -7.00 -8.73 10.53
C ALA B 194 -7.97 -7.77 9.85
N GLY B 195 -8.13 -6.58 10.44
CA GLY B 195 -9.07 -5.60 9.88
C GLY B 195 -8.61 -5.04 8.54
N GLU B 196 -7.30 -5.00 8.33
CA GLU B 196 -6.75 -4.37 7.13
C GLU B 196 -6.43 -5.40 6.05
N LEU B 197 -6.46 -6.69 6.41
CA LEU B 197 -6.08 -7.74 5.46
C LEU B 197 -7.10 -7.93 4.33
N ARG B 198 -6.63 -7.94 3.09
CA ARG B 198 -7.49 -8.31 1.96
C ARG B 198 -7.52 -9.83 1.82
N ILE B 199 -8.72 -10.39 1.84
CA ILE B 199 -8.96 -11.81 1.58
C ILE B 199 -9.83 -11.86 0.31
N LEU B 200 -9.20 -12.35 -0.75
CA LEU B 200 -9.85 -12.46 -2.06
C LEU B 200 -10.43 -13.86 -2.25
N TYR B 201 -11.51 -13.94 -3.01
CA TYR B 201 -12.11 -15.26 -3.33
C TYR B 201 -11.73 -15.62 -4.80
N GLY B 202 -11.38 -16.89 -5.06
CA GLY B 202 -11.18 -17.36 -6.45
C GLY B 202 -11.80 -18.74 -6.66
N GLY B 203 -12.15 -19.06 -7.90
CA GLY B 203 -12.68 -20.35 -8.30
C GLY B 203 -14.02 -20.14 -8.97
N SER B 204 -14.01 -20.15 -10.30
CA SER B 204 -15.24 -20.02 -11.10
C SER B 204 -15.98 -18.69 -10.93
N VAL B 205 -15.22 -17.63 -10.66
CA VAL B 205 -15.85 -16.29 -10.56
C VAL B 205 -16.18 -15.81 -11.96
N ASN B 206 -17.36 -15.22 -12.10
CA ASN B 206 -17.75 -14.57 -13.37
C ASN B 206 -18.46 -13.25 -13.08
N GLY B 207 -18.79 -12.50 -14.13
CA GLY B 207 -19.39 -11.17 -13.95
C GLY B 207 -20.70 -11.22 -13.16
N LYS B 208 -21.47 -12.30 -13.32
CA LYS B 208 -22.75 -12.47 -12.61
C LYS B 208 -22.56 -12.81 -11.13
N ASN B 209 -21.83 -13.88 -10.82
CA ASN B 209 -21.75 -14.31 -9.42
C ASN B 209 -20.83 -13.40 -8.56
N ALA B 210 -20.02 -12.54 -9.18
CA ALA B 210 -19.06 -11.71 -8.42
C ALA B 210 -19.78 -10.67 -7.56
N ARG B 211 -20.89 -10.14 -8.07
CA ARG B 211 -21.59 -9.07 -7.35
C ARG B 211 -22.04 -9.53 -5.96
N THR B 212 -22.72 -10.66 -5.87
CA THR B 212 -23.21 -11.16 -4.58
CA THR B 212 -23.20 -11.12 -4.56
C THR B 212 -22.08 -11.67 -3.70
N LEU B 213 -21.03 -12.21 -4.32
CA LEU B 213 -19.91 -12.65 -3.51
C LEU B 213 -19.25 -11.43 -2.85
N TYR B 214 -19.07 -10.33 -3.61
CA TYR B 214 -18.43 -9.13 -3.02
C TYR B 214 -19.24 -8.50 -1.86
N GLN B 215 -20.55 -8.70 -1.89
CA GLN B 215 -21.40 -8.12 -0.87
CA GLN B 215 -21.47 -8.18 -0.87
C GLN B 215 -21.19 -8.77 0.51
N GLN B 216 -20.50 -9.91 0.53
CA GLN B 216 -20.23 -10.58 1.81
C GLN B 216 -19.23 -9.79 2.66
N ARG B 217 -19.45 -9.80 3.97
CA ARG B 217 -18.68 -8.99 4.91
C ARG B 217 -17.16 -9.16 4.79
N ASP B 218 -16.72 -10.39 4.56
CA ASP B 218 -15.28 -10.70 4.61
C ASP B 218 -14.58 -10.98 3.28
N VAL B 219 -15.27 -10.62 2.20
CA VAL B 219 -14.72 -10.72 0.84
C VAL B 219 -14.17 -9.35 0.39
N ASN B 220 -12.91 -9.31 -0.04
CA ASN B 220 -12.27 -8.03 -0.44
C ASN B 220 -11.84 -8.03 -1.90
N GLY B 221 -12.39 -8.95 -2.71
CA GLY B 221 -12.05 -8.96 -4.14
C GLY B 221 -11.88 -10.37 -4.65
N PHE B 222 -11.21 -10.50 -5.79
CA PHE B 222 -11.23 -11.76 -6.52
C PHE B 222 -9.93 -12.12 -7.15
N LEU B 223 -9.71 -13.43 -7.28
CA LEU B 223 -8.65 -13.97 -8.14
C LEU B 223 -9.40 -14.65 -9.26
N ALA B 224 -9.16 -14.18 -10.49
CA ALA B 224 -9.94 -14.62 -11.65
C ALA B 224 -9.08 -14.81 -12.89
N GLY B 225 -9.70 -15.27 -13.97
CA GLY B 225 -8.94 -15.48 -15.19
C GLY B 225 -8.62 -14.22 -15.96
N LEU B 226 -7.56 -14.33 -16.74
CA LEU B 226 -7.14 -13.25 -17.63
CA LEU B 226 -7.15 -13.25 -17.61
C LEU B 226 -7.95 -13.44 -18.91
N LYS B 227 -9.17 -12.89 -18.93
CA LYS B 227 -10.15 -13.07 -20.01
C LYS B 227 -11.10 -11.85 -20.05
N PRO B 228 -11.89 -11.69 -21.14
CA PRO B 228 -12.78 -10.50 -21.24
C PRO B 228 -13.74 -10.28 -20.06
N GLU B 229 -14.26 -11.36 -19.47
CA GLU B 229 -15.12 -11.29 -18.28
C GLU B 229 -14.47 -10.59 -17.07
N PHE B 230 -13.12 -10.52 -17.05
CA PHE B 230 -12.45 -9.80 -15.96
C PHE B 230 -12.97 -8.37 -15.81
N VAL B 231 -13.38 -7.73 -16.92
CA VAL B 231 -13.93 -6.36 -16.84
C VAL B 231 -15.18 -6.31 -15.93
N ASP B 232 -16.04 -7.31 -16.05
CA ASP B 232 -17.26 -7.36 -15.25
C ASP B 232 -16.97 -7.73 -13.79
N ILE B 233 -15.92 -8.53 -13.57
CA ILE B 233 -15.49 -8.86 -12.23
C ILE B 233 -14.96 -7.59 -11.50
N ILE B 234 -14.13 -6.78 -12.20
CA ILE B 234 -13.71 -5.50 -11.60
C ILE B 234 -14.94 -4.68 -11.17
N LYS B 235 -15.92 -4.57 -12.07
CA LYS B 235 -17.15 -3.82 -11.74
C LYS B 235 -17.85 -4.27 -10.45
N ALA B 236 -17.70 -5.55 -10.09
CA ALA B 236 -18.38 -6.13 -8.94
C ALA B 236 -17.80 -5.71 -7.58
N THR B 237 -16.59 -5.15 -7.60
CA THR B 237 -15.86 -4.81 -6.38
C THR B 237 -16.28 -3.46 -5.77
N GLN B 238 -17.60 -3.31 -5.62
CA GLN B 238 -18.19 -2.16 -4.94
C GLN B 238 -19.53 -2.56 -4.40
C1 CIT C . 3.36 21.53 2.66
O1 CIT C . 2.17 21.38 3.01
O2 CIT C . 4.32 21.62 3.46
C2 CIT C . 3.69 21.67 1.17
C3 CIT C . 3.81 23.14 0.74
O7 CIT C . 2.68 23.89 1.23
C4 CIT C . 5.13 23.72 1.29
C5 CIT C . 5.33 25.17 0.79
O3 CIT C . 6.49 25.49 0.46
O4 CIT C . 4.33 25.92 0.73
C6 CIT C . 3.82 23.24 -0.80
O5 CIT C . 4.82 22.79 -1.41
O6 CIT C . 2.84 23.80 -1.35
C1 CIT D . -7.24 -18.57 -11.10
O1 CIT D . -7.28 -19.04 -9.95
O2 CIT D . -6.24 -18.52 -11.83
C2 CIT D . -8.54 -18.01 -11.66
C3 CIT D . -9.28 -19.07 -12.52
O7 CIT D . -8.39 -19.83 -13.35
C4 CIT D . -9.95 -20.07 -11.58
C5 CIT D . -10.90 -21.00 -12.37
O3 CIT D . -10.47 -21.49 -13.45
O4 CIT D . -12.03 -21.25 -11.90
C6 CIT D . -10.35 -18.36 -13.35
O5 CIT D . -11.31 -17.88 -12.73
O6 CIT D . -10.22 -18.29 -14.60
O TBU E . -11.33 4.74 -20.43
C TBU E . -9.92 4.85 -20.51
C1 TBU E . -9.49 4.44 -21.89
C2 TBU E . -9.57 6.31 -20.22
C3 TBU E . -9.27 3.89 -19.52
C2 ASF F . -9.92 10.36 -15.07
C3 ASF F . -10.75 9.10 -15.18
C4 ASF F . -9.85 7.87 -15.18
C5 ASF F . -10.65 6.58 -14.94
C7 ASF F . -9.13 5.59 -16.90
C8 ASF F . -7.71 5.08 -16.99
C9 ASF F . -6.96 5.91 -17.98
O1 ASF F . -8.68 5.08 -14.43
O2 ASF F . -10.57 4.09 -15.52
O3 ASF F . -6.65 5.41 -19.09
O4 ASF F . -6.66 7.08 -17.64
S5 ASF F . -9.75 5.25 -15.42
#